data_9EDL
#
_entry.id   9EDL
#
_cell.length_a   43.744
_cell.length_b   57.275
_cell.length_c   168.809
_cell.angle_alpha   90.00
_cell.angle_beta   90.00
_cell.angle_gamma   90.00
#
_symmetry.space_group_name_H-M   'P 21 21 21'
#
loop_
_entity.id
_entity.type
_entity.pdbx_description
1 polymer 'Conserved hypothetical lipoprotein'
2 non-polymer 'ZINC ION'
3 non-polymer DI(HYDROXYETHYL)ETHER
4 water water
#
_entity_poly.entity_id   1
_entity_poly.type   'polypeptide(L)'
_entity_poly.pdbx_seq_one_letter_code
;SNQNIQAQEASVNHKTSNDYAKIIAIPDIVKDLLSDPSTPTVGPQDANKAVVVFFDYGCGKCAEISKEINKLMKENPNVK
FIFKAYPSVKRDAKVANYASLVANEAYLQGGSELFLAYNKAIFAQRETNGELTDQDVDNVVKRLGIKVNDTKLKQKAAAE
ELDTRKLGKLIGFQGPHSFVILPTNLASMNANDLGNNVDKVYVISDKQTNAITDNYQQAAKWVATNIQAQLNNIK
;
_entity_poly.pdbx_strand_id   A,B
#
loop_
_chem_comp.id
_chem_comp.type
_chem_comp.name
_chem_comp.formula
PEG non-polymer DI(HYDROXYETHYL)ETHER 'C4 H10 O3'
ZN non-polymer 'ZINC ION' 'Zn 2'
#
# COMPACT_ATOMS: atom_id res chain seq x y z
N HIS A 14 33.57 -22.47 25.12
CA HIS A 14 32.69 -22.15 24.00
C HIS A 14 33.44 -21.63 22.79
N LYS A 15 34.34 -22.44 22.24
CA LYS A 15 34.99 -22.04 21.01
C LYS A 15 33.98 -21.99 19.86
N THR A 16 34.40 -21.38 18.75
CA THR A 16 33.63 -21.28 17.51
C THR A 16 32.31 -20.53 17.65
N SER A 17 32.18 -19.67 18.66
CA SER A 17 31.01 -18.79 18.76
C SER A 17 31.39 -17.41 18.25
N ASN A 18 30.47 -16.81 17.48
CA ASN A 18 30.72 -15.50 16.91
C ASN A 18 30.19 -14.43 17.86
N ASP A 19 30.96 -13.34 18.01
CA ASP A 19 30.52 -12.21 18.84
C ASP A 19 29.73 -11.22 17.97
N TYR A 20 28.51 -11.67 17.60
CA TYR A 20 27.67 -10.92 16.67
C TYR A 20 27.39 -9.51 17.18
N ALA A 21 26.97 -9.39 18.45
CA ALA A 21 26.64 -8.09 19.00
C ALA A 21 27.80 -7.11 18.88
N LYS A 22 29.02 -7.56 19.16
CA LYS A 22 30.17 -6.67 19.08
C LYS A 22 30.42 -6.22 17.65
N ILE A 23 30.25 -7.12 16.68
CA ILE A 23 30.39 -6.78 15.28
C ILE A 23 29.30 -5.78 14.87
N ILE A 24 28.09 -6.01 15.35
CA ILE A 24 26.95 -5.18 14.99
C ILE A 24 27.12 -3.77 15.51
N ALA A 25 27.69 -3.63 16.70
CA ALA A 25 27.65 -2.37 17.45
C ALA A 25 28.71 -1.39 16.96
N ILE A 26 28.65 -1.07 15.67
CA ILE A 26 29.39 0.05 15.10
C ILE A 26 28.40 0.87 14.29
N PRO A 27 28.59 2.19 14.17
CA PRO A 27 27.54 3.02 13.54
C PRO A 27 27.13 2.58 12.14
N ASP A 28 28.09 2.11 11.34
CA ASP A 28 27.81 1.73 9.96
C ASP A 28 26.81 0.57 9.89
N ILE A 29 27.03 -0.46 10.70
CA ILE A 29 26.18 -1.64 10.65
C ILE A 29 24.84 -1.37 11.31
N VAL A 30 24.84 -0.60 12.41
CA VAL A 30 23.60 -0.28 13.10
C VAL A 30 22.67 0.52 12.19
N LYS A 31 23.22 1.51 11.47
CA LYS A 31 22.39 2.30 10.57
C LYS A 31 21.94 1.49 9.36
N ASP A 32 22.73 0.52 8.92
CA ASP A 32 22.26 -0.37 7.87
C ASP A 32 21.11 -1.24 8.36
N LEU A 33 21.25 -1.79 9.57
CA LEU A 33 20.19 -2.64 10.14
C LEU A 33 18.90 -1.85 10.34
N LEU A 34 19.01 -0.65 10.90
CA LEU A 34 17.84 0.08 11.38
C LEU A 34 17.32 1.13 10.42
N SER A 35 18.14 1.64 9.49
CA SER A 35 17.84 2.88 8.81
C SER A 35 18.01 2.78 7.29
N ASP A 36 18.06 1.59 6.74
CA ASP A 36 18.13 1.53 5.29
C ASP A 36 16.73 1.78 4.72
N PRO A 37 16.54 2.91 4.03
CA PRO A 37 15.18 3.27 3.56
C PRO A 37 14.58 2.28 2.57
N SER A 38 15.41 1.51 1.87
CA SER A 38 14.92 0.58 0.87
C SER A 38 14.51 -0.76 1.47
N THR A 39 14.88 -1.04 2.73
CA THR A 39 14.56 -2.32 3.34
C THR A 39 13.13 -2.35 3.82
N PRO A 40 12.33 -3.35 3.42
CA PRO A 40 10.94 -3.44 3.89
C PRO A 40 10.85 -3.46 5.41
N THR A 41 9.96 -2.64 5.94
CA THR A 41 9.71 -2.55 7.36
C THR A 41 8.22 -2.60 7.61
N VAL A 42 7.85 -2.93 8.85
CA VAL A 42 6.48 -2.92 9.33
C VAL A 42 6.48 -2.27 10.70
N GLY A 43 5.53 -1.36 10.92
CA GLY A 43 5.42 -0.70 12.20
C GLY A 43 5.87 0.74 12.16
N PRO A 44 5.71 1.44 13.28
CA PRO A 44 5.91 2.90 13.27
C PRO A 44 7.38 3.24 13.07
N GLN A 45 7.61 4.34 12.35
CA GLN A 45 8.98 4.79 12.16
C GLN A 45 9.58 5.31 13.46
N ASP A 46 8.74 5.74 14.40
CA ASP A 46 9.21 6.22 15.70
C ASP A 46 9.16 5.14 16.78
N ALA A 47 9.14 3.86 16.39
CA ALA A 47 9.21 2.78 17.35
C ALA A 47 10.51 2.89 18.15
N ASN A 48 10.43 2.50 19.43
CA ASN A 48 11.61 2.47 20.30
C ASN A 48 12.36 1.16 20.21
N LYS A 49 11.71 0.10 19.72
CA LYS A 49 12.31 -1.22 19.60
C LYS A 49 12.17 -1.71 18.17
N ALA A 50 13.16 -2.48 17.73
CA ALA A 50 13.19 -3.05 16.40
C ALA A 50 13.59 -4.52 16.44
N VAL A 51 13.01 -5.29 15.52
CA VAL A 51 13.36 -6.69 15.26
C VAL A 51 13.78 -6.77 13.81
N VAL A 52 14.99 -7.22 13.57
CA VAL A 52 15.49 -7.44 12.21
C VAL A 52 15.42 -8.94 11.94
N VAL A 53 14.76 -9.29 10.84
CA VAL A 53 14.54 -10.67 10.44
C VAL A 53 15.33 -10.92 9.17
N PHE A 54 16.29 -11.85 9.22
CA PHE A 54 16.95 -12.31 8.01
C PHE A 54 16.25 -13.55 7.48
N PHE A 55 15.88 -13.53 6.21
CA PHE A 55 14.90 -14.48 5.69
C PHE A 55 15.24 -14.86 4.25
N ASP A 56 14.67 -15.98 3.82
CA ASP A 56 14.93 -16.56 2.51
C ASP A 56 13.58 -17.02 1.97
N TYR A 57 13.06 -16.34 0.94
CA TYR A 57 11.77 -16.69 0.33
C TYR A 57 11.75 -18.11 -0.22
N GLY A 58 12.91 -18.69 -0.52
CA GLY A 58 12.98 -20.05 -0.98
C GLY A 58 13.09 -21.08 0.12
N CYS A 59 13.14 -20.67 1.39
CA CYS A 59 13.38 -21.57 2.50
C CYS A 59 12.05 -21.92 3.17
N GLY A 60 11.78 -23.23 3.28
CA GLY A 60 10.55 -23.67 3.91
C GLY A 60 10.45 -23.29 5.37
N LYS A 61 11.58 -23.26 6.08
CA LYS A 61 11.56 -22.91 7.49
C LYS A 61 11.22 -21.44 7.68
N CYS A 62 11.82 -20.56 6.86
CA CYS A 62 11.43 -19.16 6.84
C CYS A 62 9.93 -18.98 6.62
N ALA A 63 9.31 -19.89 5.85
CA ALA A 63 7.88 -19.79 5.62
C ALA A 63 7.08 -20.01 6.90
N GLU A 64 7.50 -20.97 7.73
CA GLU A 64 6.82 -21.16 9.01
C GLU A 64 7.12 -20.02 9.98
N ILE A 65 8.38 -19.59 10.02
CA ILE A 65 8.76 -18.48 10.89
C ILE A 65 7.96 -17.24 10.52
N SER A 66 7.76 -17.00 9.23
CA SER A 66 7.03 -15.82 8.77
C SER A 66 5.65 -15.72 9.40
N LYS A 67 4.96 -16.85 9.54
CA LYS A 67 3.63 -16.84 10.13
C LYS A 67 3.66 -16.51 11.62
N GLU A 68 4.67 -17.02 12.34
CA GLU A 68 4.82 -16.62 13.75
C GLU A 68 5.19 -15.14 13.86
N ILE A 69 5.98 -14.63 12.93
CA ILE A 69 6.32 -13.20 12.94
C ILE A 69 5.08 -12.35 12.67
N ASN A 70 4.21 -12.80 11.75
CA ASN A 70 2.97 -12.09 11.49
C ASN A 70 2.21 -11.86 12.80
N LYS A 71 2.06 -12.91 13.60
CA LYS A 71 1.37 -12.77 14.88
C LYS A 71 2.12 -11.82 15.80
N LEU A 72 3.45 -11.98 15.87
CA LEU A 72 4.27 -11.08 16.69
C LEU A 72 4.02 -9.62 16.34
N MET A 73 3.92 -9.31 15.05
CA MET A 73 3.69 -7.92 14.63
C MET A 73 2.33 -7.43 15.10
N LYS A 74 1.31 -8.30 15.07
CA LYS A 74 0.01 -7.88 15.56
C LYS A 74 0.02 -7.71 17.08
N GLU A 75 0.74 -8.59 17.79
CA GLU A 75 0.85 -8.49 19.24
C GLU A 75 1.71 -7.31 19.68
N ASN A 76 2.61 -6.85 18.82
CA ASN A 76 3.55 -5.76 19.13
C ASN A 76 3.40 -4.65 18.10
N PRO A 77 2.22 -4.01 18.04
CA PRO A 77 1.99 -3.04 16.95
C PRO A 77 2.89 -1.83 17.00
N ASN A 78 3.50 -1.53 18.16
CA ASN A 78 4.39 -0.39 18.31
C ASN A 78 5.85 -0.73 18.05
N VAL A 79 6.13 -1.94 17.57
CA VAL A 79 7.49 -2.39 17.35
C VAL A 79 7.75 -2.39 15.84
N LYS A 80 8.96 -2.02 15.47
CA LYS A 80 9.39 -1.96 14.08
C LYS A 80 10.00 -3.30 13.68
N PHE A 81 9.51 -3.89 12.60
CA PHE A 81 10.07 -5.12 12.07
C PHE A 81 10.72 -4.82 10.73
N ILE A 82 11.97 -5.25 10.57
CA ILE A 82 12.79 -4.94 9.42
C ILE A 82 13.20 -6.25 8.76
N PHE A 83 12.93 -6.40 7.46
CA PHE A 83 13.04 -7.68 6.76
C PHE A 83 14.21 -7.62 5.79
N LYS A 84 15.29 -8.35 6.14
CA LYS A 84 16.54 -8.38 5.40
C LYS A 84 16.68 -9.73 4.69
N ALA A 85 16.67 -9.72 3.36
CA ALA A 85 16.74 -10.96 2.61
C ALA A 85 18.13 -11.57 2.68
N TYR A 86 18.19 -12.86 2.99
CA TYR A 86 19.45 -13.61 3.06
C TYR A 86 19.23 -14.97 2.42
N PRO A 87 19.28 -15.05 1.09
CA PRO A 87 19.11 -16.36 0.44
C PRO A 87 20.18 -17.34 0.91
N SER A 88 19.74 -18.56 1.18
CA SER A 88 20.60 -19.61 1.70
C SER A 88 21.69 -19.94 0.70
N VAL A 89 22.87 -20.27 1.22
CA VAL A 89 23.96 -20.73 0.36
C VAL A 89 23.77 -22.19 -0.02
N LYS A 90 22.78 -22.87 0.56
CA LYS A 90 22.37 -24.20 0.10
C LYS A 90 21.96 -24.15 -1.37
N ARG A 91 20.86 -23.46 -1.65
CA ARG A 91 20.24 -23.41 -2.97
C ARG A 91 20.81 -22.29 -3.82
N ASP A 92 20.67 -22.45 -5.13
CA ASP A 92 20.87 -21.33 -6.04
C ASP A 92 19.94 -20.18 -5.62
N ALA A 93 20.46 -18.96 -5.70
CA ALA A 93 19.80 -17.82 -5.07
C ALA A 93 19.03 -16.96 -6.07
N LYS A 94 19.02 -17.32 -7.35
CA LYS A 94 18.48 -16.42 -8.37
C LYS A 94 17.01 -16.14 -8.14
N VAL A 95 16.21 -17.18 -7.86
CA VAL A 95 14.79 -16.95 -7.61
C VAL A 95 14.58 -16.14 -6.33
N ALA A 96 15.24 -16.53 -5.23
CA ALA A 96 15.06 -15.81 -3.98
C ALA A 96 15.56 -14.38 -4.11
N ASN A 97 16.67 -14.18 -4.84
CA ASN A 97 17.13 -12.84 -5.17
C ASN A 97 16.05 -12.05 -5.88
N TYR A 98 15.46 -12.65 -6.93
CA TYR A 98 14.44 -11.95 -7.70
C TYR A 98 13.26 -11.60 -6.82
N ALA A 99 12.80 -12.56 -6.00
CA ALA A 99 11.64 -12.30 -5.14
C ALA A 99 11.95 -11.20 -4.14
N SER A 100 13.20 -11.15 -3.66
CA SER A 100 13.58 -10.12 -2.70
C SER A 100 13.66 -8.76 -3.37
N LEU A 101 14.18 -8.71 -4.60
CA LEU A 101 14.24 -7.43 -5.30
C LEU A 101 12.83 -6.93 -5.63
N VAL A 102 11.91 -7.84 -5.95
CA VAL A 102 10.52 -7.45 -6.16
C VAL A 102 9.91 -6.97 -4.85
N ALA A 103 10.23 -7.63 -3.73
CA ALA A 103 9.74 -7.14 -2.45
C ALA A 103 10.14 -5.69 -2.21
N ASN A 104 11.36 -5.32 -2.63
CA ASN A 104 11.79 -3.93 -2.46
C ASN A 104 10.93 -2.98 -3.28
N GLU A 105 10.54 -3.37 -4.49
CA GLU A 105 9.70 -2.46 -5.27
C GLU A 105 8.29 -2.41 -4.70
N ALA A 106 7.77 -3.53 -4.20
CA ALA A 106 6.47 -3.52 -3.55
C ALA A 106 6.46 -2.59 -2.35
N TYR A 107 7.55 -2.57 -1.59
CA TYR A 107 7.62 -1.71 -0.42
C TYR A 107 7.74 -0.24 -0.84
N LEU A 108 8.52 0.06 -1.87
CA LEU A 108 8.63 1.44 -2.33
C LEU A 108 7.29 1.95 -2.86
N GLN A 109 6.51 1.09 -3.52
CA GLN A 109 5.22 1.51 -4.06
C GLN A 109 4.15 1.58 -2.97
N GLY A 110 3.87 0.46 -2.31
CA GLY A 110 2.77 0.41 -1.38
C GLY A 110 3.13 0.41 0.10
N GLY A 111 4.39 0.62 0.45
CA GLY A 111 4.72 0.66 1.87
C GLY A 111 4.57 -0.69 2.56
N SER A 112 4.45 -0.61 3.89
CA SER A 112 4.35 -1.81 4.71
C SER A 112 3.20 -2.72 4.25
N GLU A 113 2.08 -2.12 3.86
CA GLU A 113 0.87 -2.89 3.57
C GLU A 113 1.05 -3.76 2.32
N LEU A 114 1.48 -3.17 1.21
CA LEU A 114 1.72 -3.96 0.00
C LEU A 114 2.88 -4.94 0.21
N PHE A 115 3.92 -4.51 0.96
CA PHE A 115 5.00 -5.46 1.25
C PHE A 115 4.47 -6.71 1.96
N LEU A 116 3.69 -6.53 3.03
CA LEU A 116 3.19 -7.67 3.79
C LEU A 116 2.31 -8.58 2.92
N ALA A 117 1.45 -8.00 2.08
CA ALA A 117 0.63 -8.84 1.24
C ALA A 117 1.48 -9.63 0.27
N TYR A 118 2.48 -8.99 -0.33
CA TYR A 118 3.40 -9.70 -1.21
C TYR A 118 4.17 -10.77 -0.43
N ASN A 119 4.71 -10.37 0.71
CA ASN A 119 5.51 -11.25 1.57
C ASN A 119 4.72 -12.50 1.95
N LYS A 120 3.50 -12.30 2.48
CA LYS A 120 2.66 -13.41 2.87
C LYS A 120 2.32 -14.31 1.68
N ALA A 121 2.14 -13.72 0.49
CA ALA A 121 1.75 -14.52 -0.66
C ALA A 121 2.90 -15.33 -1.24
N ILE A 122 4.12 -14.76 -1.21
CA ILE A 122 5.29 -15.51 -1.67
C ILE A 122 5.58 -16.70 -0.77
N PHE A 123 5.58 -16.48 0.54
CA PHE A 123 5.86 -17.58 1.46
C PHE A 123 4.78 -18.66 1.40
N ALA A 124 3.52 -18.27 1.13
CA ALA A 124 2.47 -19.26 0.94
C ALA A 124 2.75 -20.16 -0.27
N GLN A 125 3.19 -19.58 -1.38
CA GLN A 125 3.59 -20.39 -2.53
C GLN A 125 4.71 -21.35 -2.18
N ARG A 126 5.69 -20.89 -1.39
CA ARG A 126 6.79 -21.76 -1.01
C ARG A 126 6.32 -22.87 -0.08
N GLU A 127 5.49 -22.53 0.91
CA GLU A 127 5.01 -23.55 1.84
C GLU A 127 4.13 -24.58 1.14
N THR A 128 3.48 -24.18 0.05
CA THR A 128 2.50 -25.00 -0.65
C THR A 128 3.15 -25.94 -1.66
N ASN A 129 4.07 -25.43 -2.47
CA ASN A 129 4.66 -26.20 -3.55
C ASN A 129 5.93 -26.93 -3.14
N GLY A 130 6.55 -26.55 -2.02
CA GLY A 130 7.85 -27.09 -1.66
C GLY A 130 9.02 -26.46 -2.37
N GLU A 131 8.78 -25.42 -3.17
CA GLU A 131 9.83 -24.71 -3.90
C GLU A 131 9.27 -23.35 -4.29
N LEU A 132 10.17 -22.47 -4.73
CA LEU A 132 9.80 -21.16 -5.26
C LEU A 132 10.34 -21.03 -6.66
N THR A 133 9.52 -20.57 -7.59
CA THR A 133 9.93 -20.37 -8.97
C THR A 133 9.76 -18.91 -9.37
N ASP A 134 10.46 -18.53 -10.43
N ASP A 134 10.44 -18.50 -10.43
CA ASP A 134 10.31 -17.19 -11.00
CA ASP A 134 10.28 -17.14 -10.93
C ASP A 134 8.86 -16.91 -11.35
C ASP A 134 8.85 -16.88 -11.39
N GLN A 135 8.14 -17.91 -11.88
CA GLN A 135 6.74 -17.72 -12.23
C GLN A 135 5.89 -17.45 -11.00
N ASP A 136 6.23 -18.09 -9.88
CA ASP A 136 5.55 -17.77 -8.62
C ASP A 136 5.65 -16.28 -8.32
N VAL A 137 6.83 -15.69 -8.54
CA VAL A 137 6.98 -14.26 -8.28
C VAL A 137 6.15 -13.45 -9.27
N ASP A 138 6.21 -13.82 -10.56
CA ASP A 138 5.53 -13.02 -11.57
C ASP A 138 4.02 -13.02 -11.37
N ASN A 139 3.45 -14.17 -11.00
CA ASN A 139 2.02 -14.25 -10.78
C ASN A 139 1.60 -13.47 -9.55
N VAL A 140 2.42 -13.45 -8.50
CA VAL A 140 2.11 -12.59 -7.37
C VAL A 140 2.21 -11.13 -7.78
N VAL A 141 3.22 -10.79 -8.58
CA VAL A 141 3.39 -9.42 -9.07
C VAL A 141 2.14 -8.97 -9.81
N LYS A 142 1.72 -9.75 -10.80
CA LYS A 142 0.51 -9.44 -11.56
C LYS A 142 -0.70 -9.31 -10.64
N ARG A 143 -0.87 -10.28 -9.75
CA ARG A 143 -2.05 -10.32 -8.89
C ARG A 143 -2.14 -9.09 -7.99
N LEU A 144 -1.01 -8.64 -7.42
CA LEU A 144 -1.06 -7.52 -6.49
C LEU A 144 -0.74 -6.19 -7.15
N GLY A 145 -0.61 -6.18 -8.48
CA GLY A 145 -0.41 -4.91 -9.18
C GLY A 145 0.89 -4.20 -8.85
N ILE A 146 1.98 -4.93 -8.69
CA ILE A 146 3.30 -4.36 -8.44
C ILE A 146 3.95 -4.02 -9.77
N LYS A 147 4.49 -2.82 -9.89
CA LYS A 147 5.18 -2.41 -11.12
C LYS A 147 6.65 -2.77 -11.04
N VAL A 148 7.11 -3.64 -11.93
CA VAL A 148 8.51 -4.03 -11.97
C VAL A 148 8.97 -4.13 -13.42
N ASN A 149 10.23 -3.77 -13.66
CA ASN A 149 10.95 -4.11 -14.89
C ASN A 149 11.52 -5.51 -14.67
N ASP A 150 10.70 -6.52 -14.98
CA ASP A 150 11.06 -7.88 -14.60
C ASP A 150 12.35 -8.34 -15.26
N THR A 151 12.57 -7.93 -16.51
CA THR A 151 13.82 -8.30 -17.19
C THR A 151 15.02 -7.72 -16.47
N LYS A 152 14.95 -6.45 -16.07
CA LYS A 152 16.08 -5.84 -15.39
C LYS A 152 16.34 -6.51 -14.05
N LEU A 153 15.28 -6.74 -13.27
CA LEU A 153 15.45 -7.34 -11.95
C LEU A 153 15.95 -8.77 -12.03
N LYS A 154 15.44 -9.55 -13.00
CA LYS A 154 15.93 -10.91 -13.20
C LYS A 154 17.42 -10.91 -13.50
N GLN A 155 17.89 -9.95 -14.31
CA GLN A 155 19.31 -9.90 -14.60
C GLN A 155 20.11 -9.50 -13.37
N LYS A 156 19.58 -8.56 -12.59
CA LYS A 156 20.23 -8.17 -11.34
C LYS A 156 20.28 -9.34 -10.35
N ALA A 157 19.19 -10.10 -10.28
CA ALA A 157 19.13 -11.26 -9.40
C ALA A 157 20.18 -12.30 -9.78
N ALA A 158 20.44 -12.45 -11.08
CA ALA A 158 21.41 -13.44 -11.53
C ALA A 158 22.84 -12.96 -11.36
N ALA A 159 23.05 -11.65 -11.36
CA ALA A 159 24.38 -11.07 -11.45
C ALA A 159 24.95 -10.64 -10.11
N GLU A 160 24.12 -10.11 -9.22
CA GLU A 160 24.59 -9.52 -7.98
C GLU A 160 24.18 -10.35 -6.77
N GLU A 161 24.95 -10.18 -5.71
CA GLU A 161 24.55 -10.62 -4.38
C GLU A 161 23.71 -9.52 -3.75
N LEU A 162 22.66 -9.89 -3.03
CA LEU A 162 21.83 -8.88 -2.37
C LEU A 162 22.61 -8.11 -1.32
N ASP A 163 22.39 -6.79 -1.26
CA ASP A 163 23.00 -5.99 -0.21
C ASP A 163 22.55 -6.45 1.17
N THR A 164 21.30 -6.88 1.29
CA THR A 164 20.82 -7.37 2.58
C THR A 164 21.55 -8.66 2.96
N ARG A 165 21.89 -9.48 1.96
CA ARG A 165 22.69 -10.67 2.23
C ARG A 165 24.12 -10.30 2.60
N LYS A 166 24.71 -9.32 1.93
CA LYS A 166 26.06 -8.88 2.30
C LYS A 166 26.09 -8.37 3.73
N LEU A 167 25.04 -7.63 4.13
CA LEU A 167 24.94 -7.18 5.51
C LEU A 167 24.93 -8.36 6.48
N GLY A 168 24.07 -9.34 6.23
CA GLY A 168 24.01 -10.49 7.10
C GLY A 168 25.34 -11.22 7.20
N LYS A 169 26.04 -11.37 6.07
CA LYS A 169 27.32 -12.06 6.07
C LYS A 169 28.37 -11.27 6.86
N LEU A 170 28.39 -9.94 6.68
CA LEU A 170 29.33 -9.08 7.42
C LEU A 170 29.14 -9.21 8.92
N ILE A 171 27.89 -9.39 9.37
CA ILE A 171 27.60 -9.56 10.79
C ILE A 171 28.09 -10.90 11.30
N GLY A 172 28.25 -11.89 10.42
CA GLY A 172 28.69 -13.21 10.82
C GLY A 172 27.62 -14.27 10.71
N PHE A 173 26.42 -13.92 10.26
CA PHE A 173 25.39 -14.91 10.02
C PHE A 173 25.73 -15.74 8.80
N GLN A 174 25.51 -17.04 8.88
CA GLN A 174 25.77 -17.91 7.73
C GLN A 174 24.55 -18.17 6.88
N GLY A 175 23.41 -17.59 7.22
CA GLY A 175 22.19 -17.87 6.49
C GLY A 175 20.98 -17.22 7.13
N PRO A 176 19.80 -17.50 6.55
CA PRO A 176 18.56 -16.92 7.08
C PRO A 176 18.17 -17.50 8.42
N HIS A 177 16.97 -17.14 8.88
CA HIS A 177 16.51 -17.27 10.26
C HIS A 177 17.61 -16.90 11.25
N SER A 178 18.21 -15.74 11.01
CA SER A 178 19.00 -14.99 11.97
C SER A 178 18.21 -13.73 12.33
N PHE A 179 18.31 -13.31 13.59
CA PHE A 179 17.47 -12.22 14.07
C PHE A 179 18.29 -11.31 14.97
N VAL A 180 18.02 -10.01 14.89
CA VAL A 180 18.59 -9.01 15.80
C VAL A 180 17.44 -8.25 16.43
N ILE A 181 17.46 -8.13 17.76
CA ILE A 181 16.51 -7.32 18.49
C ILE A 181 17.31 -6.24 19.20
N LEU A 182 16.92 -4.98 19.02
CA LEU A 182 17.74 -3.89 19.52
C LEU A 182 16.88 -2.65 19.67
N PRO A 183 17.26 -1.73 20.56
CA PRO A 183 16.60 -0.43 20.60
C PRO A 183 16.91 0.38 19.36
N THR A 184 15.92 1.18 18.92
CA THR A 184 16.11 2.05 17.76
C THR A 184 16.99 3.25 18.06
N ASN A 185 17.20 3.61 19.33
CA ASN A 185 18.04 4.76 19.62
C ASN A 185 19.52 4.50 19.40
N LEU A 186 19.93 3.24 19.15
CA LEU A 186 21.32 2.99 18.79
C LEU A 186 21.67 3.59 17.44
N ALA A 187 20.68 3.86 16.59
CA ALA A 187 20.94 4.49 15.30
C ALA A 187 21.52 5.90 15.43
N SER A 188 21.28 6.58 16.55
CA SER A 188 21.74 7.94 16.71
C SER A 188 23.01 8.03 17.55
N MET A 189 23.69 6.91 17.77
CA MET A 189 24.87 6.88 18.62
C MET A 189 26.14 6.89 17.78
N ASN A 190 27.20 7.47 18.32
CA ASN A 190 28.47 7.40 17.63
C ASN A 190 29.19 6.13 18.06
N ALA A 191 30.39 5.94 17.53
CA ALA A 191 31.12 4.69 17.76
C ALA A 191 31.43 4.49 19.23
N ASN A 192 31.81 5.57 19.93
N ASN A 192 31.81 5.56 19.94
CA ASN A 192 32.11 5.47 21.36
CA ASN A 192 32.10 5.44 21.37
C ASN A 192 30.86 5.12 22.17
C ASN A 192 30.84 5.09 22.16
N ASP A 193 29.76 5.83 21.92
CA ASP A 193 28.46 5.48 22.53
C ASP A 193 28.12 4.01 22.31
N LEU A 194 28.19 3.57 21.06
CA LEU A 194 27.72 2.23 20.69
C LEU A 194 28.53 1.14 21.36
N GLY A 195 29.85 1.32 21.45
CA GLY A 195 30.69 0.31 22.08
C GLY A 195 30.38 0.11 23.54
N ASN A 196 29.95 1.17 24.22
CA ASN A 196 29.47 1.06 25.60
C ASN A 196 28.08 0.48 25.70
N ASN A 197 27.44 0.13 24.57
CA ASN A 197 26.06 -0.35 24.55
C ASN A 197 25.92 -1.66 23.79
N VAL A 198 27.00 -2.43 23.64
CA VAL A 198 26.94 -3.74 22.99
C VAL A 198 25.88 -4.62 23.64
N ASP A 199 25.65 -4.43 24.95
CA ASP A 199 24.70 -5.25 25.70
C ASP A 199 23.27 -5.08 25.24
N LYS A 200 22.94 -3.98 24.57
CA LYS A 200 21.59 -3.74 24.11
C LYS A 200 21.31 -4.39 22.77
N VAL A 201 22.33 -4.96 22.14
CA VAL A 201 22.17 -5.70 20.89
C VAL A 201 21.97 -7.18 21.23
N TYR A 202 20.79 -7.72 20.92
CA TYR A 202 20.53 -9.13 21.15
C TYR A 202 20.39 -9.86 19.82
N VAL A 203 20.99 -11.04 19.73
CA VAL A 203 21.10 -11.78 18.48
C VAL A 203 20.63 -13.21 18.70
N ILE A 204 19.75 -13.68 17.82
CA ILE A 204 19.48 -15.10 17.63
C ILE A 204 20.11 -15.50 16.32
N SER A 205 21.20 -16.26 16.37
CA SER A 205 21.91 -16.55 15.13
C SER A 205 21.23 -17.69 14.38
N ASP A 206 21.62 -17.83 13.11
CA ASP A 206 21.16 -18.97 12.32
C ASP A 206 21.68 -20.28 12.88
N LYS A 207 22.87 -20.27 13.48
CA LYS A 207 23.37 -21.48 14.12
C LYS A 207 22.49 -21.87 15.29
N GLN A 208 22.02 -20.88 16.05
CA GLN A 208 21.09 -21.16 17.14
C GLN A 208 19.77 -21.68 16.62
N THR A 209 19.19 -20.99 15.62
CA THR A 209 17.90 -21.39 15.09
C THR A 209 17.95 -22.79 14.49
N ASN A 210 19.05 -23.12 13.80
CA ASN A 210 19.15 -24.44 13.19
C ASN A 210 19.43 -25.53 14.21
N ALA A 211 19.98 -25.19 15.36
CA ALA A 211 20.24 -26.18 16.41
C ALA A 211 19.01 -26.56 17.20
N ILE A 212 17.91 -25.81 17.07
CA ILE A 212 16.72 -26.06 17.89
C ILE A 212 16.18 -27.46 17.63
N THR A 213 15.79 -27.71 16.39
CA THR A 213 14.94 -28.85 16.04
C THR A 213 14.90 -28.93 14.54
N ASP A 214 14.19 -29.93 14.02
CA ASP A 214 13.85 -30.01 12.61
C ASP A 214 12.35 -29.83 12.37
N ASN A 215 11.54 -29.82 13.42
CA ASN A 215 10.15 -29.37 13.37
C ASN A 215 10.15 -27.87 13.08
N TYR A 216 9.72 -27.50 11.87
CA TYR A 216 9.72 -26.10 11.46
C TYR A 216 8.82 -25.26 12.35
N GLN A 217 7.67 -25.82 12.74
CA GLN A 217 6.70 -25.01 13.48
C GLN A 217 7.17 -24.73 14.91
N GLN A 218 7.72 -25.73 15.59
CA GLN A 218 8.16 -25.52 16.96
C GLN A 218 9.40 -24.63 16.99
N ALA A 219 10.22 -24.67 15.93
CA ALA A 219 11.32 -23.73 15.81
C ALA A 219 10.80 -22.30 15.67
N ALA A 220 9.80 -22.11 14.80
CA ALA A 220 9.20 -20.80 14.62
C ALA A 220 8.58 -20.29 15.91
N LYS A 221 7.93 -21.18 16.67
CA LYS A 221 7.32 -20.76 17.91
C LYS A 221 8.37 -20.44 18.97
N TRP A 222 9.45 -21.21 19.05
CA TRP A 222 10.52 -20.85 19.98
C TRP A 222 11.12 -19.50 19.63
N VAL A 223 11.41 -19.27 18.34
CA VAL A 223 11.95 -17.99 17.92
C VAL A 223 11.00 -16.87 18.32
N ALA A 224 9.70 -17.04 18.07
CA ALA A 224 8.76 -15.96 18.38
C ALA A 224 8.71 -15.69 19.88
N THR A 225 8.70 -16.75 20.69
CA THR A 225 8.65 -16.61 22.15
C THR A 225 9.90 -15.90 22.67
N ASN A 226 11.06 -16.24 22.08
CA ASN A 226 12.31 -15.63 22.49
C ASN A 226 12.37 -14.17 22.08
N ILE A 227 11.92 -13.83 20.87
CA ILE A 227 11.89 -12.44 20.45
C ILE A 227 11.00 -11.61 21.38
N GLN A 228 9.83 -12.16 21.74
CA GLN A 228 8.93 -11.42 22.62
C GLN A 228 9.59 -11.10 23.95
N ALA A 229 10.30 -12.07 24.53
CA ALA A 229 10.97 -11.84 25.80
C ALA A 229 12.03 -10.76 25.68
N GLN A 230 12.81 -10.79 24.60
CA GLN A 230 13.83 -9.77 24.40
C GLN A 230 13.21 -8.40 24.20
N LEU A 231 12.12 -8.34 23.42
CA LEU A 231 11.34 -7.12 23.30
C LEU A 231 10.89 -6.62 24.67
N ASN A 232 10.30 -7.50 25.46
CA ASN A 232 9.86 -7.14 26.80
C ASN A 232 11.01 -6.60 27.65
N ASN A 233 12.24 -7.03 27.36
CA ASN A 233 13.37 -6.65 28.18
C ASN A 233 13.99 -5.33 27.77
N ILE A 234 13.65 -4.80 26.60
CA ILE A 234 14.11 -3.47 26.19
C ILE A 234 13.19 -2.41 26.77
N LYS A 235 13.79 -1.36 27.32
CA LYS A 235 13.04 -0.25 27.92
C LYS A 235 12.05 0.39 26.95
N ALA B 10 7.43 19.16 -18.43
CA ALA B 10 6.45 19.85 -17.60
C ALA B 10 6.17 19.05 -16.33
N SER B 11 6.41 19.67 -15.18
CA SER B 11 6.09 19.04 -13.91
C SER B 11 4.59 18.88 -13.77
N VAL B 12 4.19 17.86 -13.01
CA VAL B 12 2.78 17.61 -12.75
C VAL B 12 2.11 18.73 -12.00
N ASN B 13 2.90 19.65 -11.42
CA ASN B 13 2.38 20.73 -10.59
C ASN B 13 1.87 21.92 -11.40
N HIS B 14 2.33 22.07 -12.64
CA HIS B 14 1.93 23.22 -13.44
C HIS B 14 0.46 23.15 -13.79
N LYS B 15 -0.05 24.27 -14.33
CA LYS B 15 -1.45 24.37 -14.70
C LYS B 15 -1.78 23.35 -15.78
N THR B 16 -2.79 22.53 -15.53
CA THR B 16 -3.11 21.45 -16.45
C THR B 16 -3.73 22.00 -17.74
N SER B 17 -3.75 21.16 -18.77
CA SER B 17 -4.48 21.47 -19.99
C SER B 17 -5.90 21.92 -19.65
N ASN B 18 -6.38 22.94 -20.36
CA ASN B 18 -7.76 23.39 -20.21
C ASN B 18 -8.73 22.63 -21.10
N ASP B 19 -8.31 21.52 -21.71
CA ASP B 19 -9.23 20.74 -22.51
C ASP B 19 -10.33 20.13 -21.66
N TYR B 20 -10.02 19.75 -20.42
CA TYR B 20 -11.02 19.12 -19.57
C TYR B 20 -12.11 20.09 -19.17
N ALA B 21 -11.72 21.31 -18.76
CA ALA B 21 -12.70 22.31 -18.38
C ALA B 21 -13.61 22.67 -19.54
N LYS B 22 -13.09 22.66 -20.78
CA LYS B 22 -13.93 22.98 -21.93
C LYS B 22 -15.08 21.99 -22.08
N ILE B 23 -14.87 20.72 -21.72
CA ILE B 23 -15.95 19.75 -21.72
C ILE B 23 -16.86 19.97 -20.52
N ILE B 24 -16.26 20.27 -19.36
CA ILE B 24 -17.07 20.54 -18.16
C ILE B 24 -17.93 21.78 -18.37
N ALA B 25 -17.55 22.66 -19.30
CA ALA B 25 -18.32 23.84 -19.66
C ALA B 25 -19.65 23.51 -20.33
N ILE B 26 -19.89 22.25 -20.67
CA ILE B 26 -21.17 21.84 -21.23
C ILE B 26 -22.14 21.67 -20.06
N PRO B 27 -23.28 22.36 -20.06
CA PRO B 27 -24.24 22.23 -18.94
C PRO B 27 -24.53 20.80 -18.51
N ASP B 28 -24.71 19.91 -19.47
CA ASP B 28 -25.07 18.54 -19.13
C ASP B 28 -23.92 17.78 -18.48
N ILE B 29 -22.68 18.15 -18.81
CA ILE B 29 -21.52 17.54 -18.16
C ILE B 29 -21.41 18.03 -16.72
N VAL B 30 -21.48 19.34 -16.49
CA VAL B 30 -21.24 19.84 -15.14
C VAL B 30 -22.38 19.45 -14.21
N LYS B 31 -23.59 19.31 -14.74
CA LYS B 31 -24.73 18.86 -13.93
C LYS B 31 -24.56 17.41 -13.51
N ASP B 32 -24.07 16.56 -14.42
CA ASP B 32 -23.78 15.18 -14.06
C ASP B 32 -22.66 15.10 -13.03
N LEU B 33 -21.64 15.94 -13.19
CA LEU B 33 -20.56 15.99 -12.20
C LEU B 33 -21.09 16.36 -10.82
N LEU B 34 -21.91 17.42 -10.75
CA LEU B 34 -22.25 18.07 -9.48
C LEU B 34 -23.57 17.63 -8.88
N SER B 35 -24.51 17.12 -9.69
CA SER B 35 -25.90 17.01 -9.28
C SER B 35 -26.52 15.64 -9.53
N ASP B 36 -25.75 14.63 -9.91
CA ASP B 36 -26.32 13.29 -10.11
C ASP B 36 -26.84 12.75 -8.78
N PRO B 37 -28.14 12.51 -8.63
CA PRO B 37 -28.66 12.08 -7.32
C PRO B 37 -28.22 10.67 -6.92
N SER B 38 -27.74 9.86 -7.86
CA SER B 38 -27.29 8.53 -7.49
C SER B 38 -25.81 8.48 -7.12
N THR B 39 -25.04 9.53 -7.38
CA THR B 39 -23.60 9.48 -7.06
C THR B 39 -23.37 9.71 -5.56
N PRO B 40 -22.63 8.84 -4.88
CA PRO B 40 -22.36 9.07 -3.46
C PRO B 40 -21.67 10.41 -3.24
N THR B 41 -22.14 11.12 -2.21
CA THR B 41 -21.76 12.51 -1.92
C THR B 41 -21.66 12.69 -0.41
N VAL B 42 -20.64 13.41 0.06
CA VAL B 42 -20.42 13.66 1.48
C VAL B 42 -20.20 15.15 1.69
N GLY B 43 -20.92 15.73 2.66
CA GLY B 43 -20.77 17.13 2.97
C GLY B 43 -22.07 17.89 2.86
N PRO B 44 -22.05 19.17 3.23
CA PRO B 44 -23.30 19.95 3.26
C PRO B 44 -23.91 20.07 1.87
N GLN B 45 -25.20 19.75 1.76
N GLN B 45 -25.20 19.75 1.76
CA GLN B 45 -25.88 19.85 0.46
CA GLN B 45 -25.91 19.84 0.49
C GLN B 45 -25.76 21.24 -0.13
C GLN B 45 -25.79 21.23 -0.11
N ASP B 46 -25.69 22.26 0.73
CA ASP B 46 -25.55 23.65 0.31
C ASP B 46 -24.10 24.10 0.21
N ALA B 47 -23.15 23.18 0.08
CA ALA B 47 -21.75 23.60 -0.02
C ALA B 47 -21.55 24.51 -1.21
N ASN B 48 -20.69 25.52 -1.07
CA ASN B 48 -20.39 26.38 -2.21
C ASN B 48 -19.28 25.81 -3.09
N LYS B 49 -18.59 24.76 -2.65
CA LYS B 49 -17.49 24.16 -3.41
C LYS B 49 -17.65 22.65 -3.44
N ALA B 50 -17.13 22.04 -4.51
CA ALA B 50 -17.14 20.60 -4.64
C ALA B 50 -15.78 20.07 -5.04
N VAL B 51 -15.47 18.87 -4.55
CA VAL B 51 -14.36 18.06 -5.05
C VAL B 51 -14.95 16.78 -5.63
N VAL B 52 -14.75 16.56 -6.92
CA VAL B 52 -15.14 15.32 -7.59
C VAL B 52 -13.94 14.40 -7.66
N VAL B 53 -14.08 13.22 -7.09
CA VAL B 53 -13.01 12.24 -6.94
C VAL B 53 -13.31 11.05 -7.84
N PHE B 54 -12.47 10.80 -8.83
CA PHE B 54 -12.58 9.60 -9.66
C PHE B 54 -11.69 8.51 -9.08
N PHE B 55 -12.28 7.37 -8.74
CA PHE B 55 -11.62 6.37 -7.90
C PHE B 55 -11.84 4.96 -8.43
N ASP B 56 -10.91 4.08 -8.08
CA ASP B 56 -10.92 2.67 -8.47
C ASP B 56 -10.79 1.84 -7.20
N TYR B 57 -11.90 1.20 -6.78
CA TYR B 57 -11.88 0.36 -5.58
C TYR B 57 -10.87 -0.78 -5.68
N GLY B 58 -10.47 -1.16 -6.89
CA GLY B 58 -9.47 -2.18 -7.07
C GLY B 58 -8.02 -1.70 -7.06
N CYS B 59 -7.77 -0.44 -6.76
CA CYS B 59 -6.46 0.18 -6.98
C CYS B 59 -5.84 0.58 -5.64
N GLY B 60 -4.58 0.18 -5.43
CA GLY B 60 -3.93 0.47 -4.18
C GLY B 60 -3.62 1.93 -3.99
N LYS B 61 -3.37 2.66 -5.09
CA LYS B 61 -3.12 4.09 -4.97
C LYS B 61 -4.38 4.84 -4.55
N CYS B 62 -5.53 4.48 -5.14
CA CYS B 62 -6.80 5.04 -4.70
C CYS B 62 -7.07 4.72 -3.24
N ALA B 63 -6.68 3.53 -2.78
CA ALA B 63 -6.96 3.17 -1.40
C ALA B 63 -6.22 4.09 -0.43
N GLU B 64 -5.03 4.54 -0.84
CA GLU B 64 -4.24 5.45 -0.02
C GLU B 64 -4.75 6.89 -0.17
N ILE B 65 -5.06 7.30 -1.39
CA ILE B 65 -5.71 8.59 -1.63
C ILE B 65 -6.97 8.73 -0.79
N SER B 66 -7.74 7.65 -0.70
CA SER B 66 -8.98 7.67 0.06
C SER B 66 -8.78 8.15 1.49
N LYS B 67 -7.69 7.73 2.13
CA LYS B 67 -7.47 8.14 3.51
C LYS B 67 -7.11 9.61 3.61
N GLU B 68 -6.39 10.15 2.61
CA GLU B 68 -6.12 11.58 2.61
C GLU B 68 -7.37 12.40 2.31
N ILE B 69 -8.26 11.89 1.46
CA ILE B 69 -9.55 12.56 1.25
C ILE B 69 -10.34 12.60 2.54
N ASN B 70 -10.35 11.48 3.29
CA ASN B 70 -11.03 11.44 4.58
C ASN B 70 -10.60 12.63 5.45
N LYS B 71 -9.29 12.88 5.54
CA LYS B 71 -8.80 14.03 6.29
C LYS B 71 -9.25 15.33 5.63
N LEU B 72 -9.15 15.42 4.31
CA LEU B 72 -9.61 16.64 3.61
C LEU B 72 -11.04 16.97 3.95
N MET B 73 -11.91 15.95 4.01
CA MET B 73 -13.32 16.18 4.30
C MET B 73 -13.52 16.72 5.71
N LYS B 74 -12.64 16.37 6.63
CA LYS B 74 -12.76 16.91 7.97
C LYS B 74 -12.26 18.35 8.05
N GLU B 75 -11.34 18.73 7.16
CA GLU B 75 -10.69 20.05 7.23
C GLU B 75 -11.35 21.10 6.34
N ASN B 76 -12.46 20.79 5.68
CA ASN B 76 -13.08 21.70 4.72
C ASN B 76 -14.58 21.65 4.88
N PRO B 77 -15.12 22.39 5.86
CA PRO B 77 -16.55 22.28 6.18
C PRO B 77 -17.47 22.87 5.13
N ASN B 78 -16.97 23.68 4.19
CA ASN B 78 -17.82 24.29 3.18
C ASN B 78 -17.78 23.54 1.84
N VAL B 79 -17.30 22.29 1.85
CA VAL B 79 -17.01 21.56 0.63
C VAL B 79 -17.81 20.27 0.57
N LYS B 80 -18.37 20.00 -0.60
CA LYS B 80 -19.03 18.75 -0.91
C LYS B 80 -18.05 17.84 -1.66
N PHE B 81 -17.99 16.58 -1.27
CA PHE B 81 -17.12 15.60 -1.91
C PHE B 81 -17.97 14.57 -2.65
N ILE B 82 -17.64 14.35 -3.92
CA ILE B 82 -18.46 13.58 -4.85
C ILE B 82 -17.60 12.48 -5.44
N PHE B 83 -18.04 11.24 -5.28
CA PHE B 83 -17.20 10.08 -5.59
C PHE B 83 -17.73 9.36 -6.84
N LYS B 84 -16.95 9.44 -7.92
CA LYS B 84 -17.29 8.91 -9.24
C LYS B 84 -16.35 7.73 -9.53
N ALA B 85 -16.92 6.53 -9.61
CA ALA B 85 -16.09 5.35 -9.82
C ALA B 85 -15.54 5.32 -11.23
N TYR B 86 -14.25 4.98 -11.34
CA TYR B 86 -13.57 4.89 -12.64
C TYR B 86 -12.51 3.81 -12.53
N PRO B 87 -12.90 2.54 -12.68
CA PRO B 87 -11.92 1.45 -12.65
C PRO B 87 -10.90 1.58 -13.78
N SER B 88 -9.66 1.24 -13.47
CA SER B 88 -8.57 1.35 -14.44
C SER B 88 -8.91 0.59 -15.71
N VAL B 89 -8.54 1.19 -16.85
CA VAL B 89 -8.79 0.54 -18.14
C VAL B 89 -7.74 -0.51 -18.44
N LYS B 90 -6.67 -0.57 -17.67
CA LYS B 90 -5.58 -1.50 -17.89
C LYS B 90 -5.71 -2.78 -17.06
N ARG B 91 -6.72 -2.91 -16.22
CA ARG B 91 -6.94 -4.11 -15.44
C ARG B 91 -8.39 -4.54 -15.55
N ASP B 92 -8.66 -5.79 -15.19
CA ASP B 92 -10.03 -6.29 -15.24
C ASP B 92 -10.89 -5.51 -14.25
N ALA B 93 -12.00 -4.96 -14.74
CA ALA B 93 -12.81 -4.03 -13.97
C ALA B 93 -13.98 -4.68 -13.25
N LYS B 94 -14.14 -5.99 -13.36
CA LYS B 94 -15.37 -6.64 -12.88
C LYS B 94 -15.60 -6.42 -11.39
N VAL B 95 -14.59 -6.69 -10.56
CA VAL B 95 -14.77 -6.58 -9.13
C VAL B 95 -15.00 -5.12 -8.72
N ALA B 96 -14.22 -4.21 -9.29
CA ALA B 96 -14.42 -2.79 -8.97
C ALA B 96 -15.77 -2.29 -9.46
N ASN B 97 -16.20 -2.71 -10.66
CA ASN B 97 -17.54 -2.37 -11.13
C ASN B 97 -18.58 -2.82 -10.12
N TYR B 98 -18.48 -4.07 -9.67
CA TYR B 98 -19.42 -4.60 -8.69
C TYR B 98 -19.38 -3.79 -7.40
N ALA B 99 -18.18 -3.54 -6.88
CA ALA B 99 -18.03 -2.76 -5.65
C ALA B 99 -18.60 -1.36 -5.81
N SER B 100 -18.39 -0.75 -6.98
CA SER B 100 -18.93 0.59 -7.24
C SER B 100 -20.45 0.58 -7.28
N LEU B 101 -21.04 -0.41 -7.98
CA LEU B 101 -22.50 -0.52 -8.02
C LEU B 101 -23.06 -0.72 -6.62
N VAL B 102 -22.35 -1.48 -5.78
CA VAL B 102 -22.81 -1.74 -4.42
C VAL B 102 -22.76 -0.45 -3.60
N ALA B 103 -21.74 0.37 -3.81
CA ALA B 103 -21.67 1.66 -3.11
C ALA B 103 -22.85 2.55 -3.46
N ASN B 104 -23.35 2.45 -4.69
CA ASN B 104 -24.54 3.20 -5.05
C ASN B 104 -25.75 2.76 -4.24
N GLU B 105 -25.84 1.46 -3.94
CA GLU B 105 -26.95 0.97 -3.11
C GLU B 105 -26.77 1.39 -1.66
N ALA B 106 -25.55 1.29 -1.13
CA ALA B 106 -25.28 1.79 0.22
C ALA B 106 -25.69 3.25 0.36
N TYR B 107 -25.39 4.07 -0.64
CA TYR B 107 -25.73 5.49 -0.59
C TYR B 107 -27.25 5.70 -0.59
N LEU B 108 -27.98 4.95 -1.43
CA LEU B 108 -29.44 5.09 -1.42
C LEU B 108 -30.03 4.61 -0.12
N GLN B 109 -29.46 3.57 0.47
CA GLN B 109 -30.07 2.94 1.64
C GLN B 109 -29.70 3.64 2.95
N GLY B 110 -28.51 4.22 3.05
CA GLY B 110 -28.11 4.85 4.30
C GLY B 110 -27.34 6.15 4.16
N GLY B 111 -27.39 6.77 2.97
CA GLY B 111 -26.82 8.08 2.73
C GLY B 111 -25.31 8.12 2.90
N SER B 112 -24.82 9.33 3.20
CA SER B 112 -23.38 9.56 3.35
C SER B 112 -22.76 8.61 4.36
N GLU B 113 -23.44 8.40 5.48
CA GLU B 113 -22.88 7.62 6.58
C GLU B 113 -22.65 6.18 6.17
N LEU B 114 -23.69 5.52 5.63
CA LEU B 114 -23.52 4.12 5.21
C LEU B 114 -22.54 4.02 4.04
N PHE B 115 -22.61 4.94 3.08
CA PHE B 115 -21.60 4.94 2.02
C PHE B 115 -20.19 5.02 2.59
N LEU B 116 -19.98 5.88 3.59
CA LEU B 116 -18.63 6.06 4.11
C LEU B 116 -18.14 4.81 4.82
N ALA B 117 -19.00 4.16 5.59
CA ALA B 117 -18.61 2.90 6.23
C ALA B 117 -18.24 1.86 5.19
N TYR B 118 -19.07 1.74 4.15
CA TYR B 118 -18.78 0.80 3.08
C TYR B 118 -17.50 1.15 2.36
N ASN B 119 -17.35 2.43 2.02
CA ASN B 119 -16.20 2.92 1.25
C ASN B 119 -14.91 2.67 2.00
N LYS B 120 -14.91 2.94 3.29
CA LYS B 120 -13.71 2.74 4.10
C LYS B 120 -13.38 1.26 4.20
N ALA B 121 -14.40 0.42 4.40
CA ALA B 121 -14.18 -1.01 4.55
C ALA B 121 -13.64 -1.63 3.27
N ILE B 122 -14.21 -1.27 2.11
CA ILE B 122 -13.75 -1.84 0.85
C ILE B 122 -12.29 -1.47 0.60
N PHE B 123 -11.96 -0.19 0.76
CA PHE B 123 -10.60 0.26 0.51
C PHE B 123 -9.63 -0.35 1.51
N ALA B 124 -10.07 -0.51 2.77
CA ALA B 124 -9.20 -1.15 3.77
C ALA B 124 -8.89 -2.58 3.38
N GLN B 125 -9.87 -3.29 2.81
CA GLN B 125 -9.62 -4.65 2.33
C GLN B 125 -8.62 -4.64 1.18
N ARG B 126 -8.82 -3.75 0.20
CA ARG B 126 -7.89 -3.65 -0.91
C ARG B 126 -6.49 -3.34 -0.42
N GLU B 127 -6.39 -2.46 0.57
CA GLU B 127 -5.09 -2.05 1.09
C GLU B 127 -4.41 -3.22 1.80
N THR B 128 -5.16 -3.92 2.65
CA THR B 128 -4.60 -5.01 3.42
C THR B 128 -4.16 -6.19 2.54
N ASN B 129 -4.95 -6.55 1.53
CA ASN B 129 -4.65 -7.76 0.79
C ASN B 129 -3.89 -7.52 -0.52
N GLY B 130 -3.67 -6.27 -0.92
CA GLY B 130 -3.08 -6.01 -2.21
C GLY B 130 -3.99 -6.22 -3.40
N GLU B 131 -5.26 -6.58 -3.16
CA GLU B 131 -6.21 -6.81 -4.24
C GLU B 131 -7.61 -6.82 -3.64
N LEU B 132 -8.61 -6.67 -4.51
CA LEU B 132 -10.00 -6.74 -4.09
C LEU B 132 -10.73 -7.81 -4.89
N THR B 133 -11.52 -8.64 -4.21
CA THR B 133 -12.29 -9.72 -4.85
C THR B 133 -13.78 -9.49 -4.64
N ASP B 134 -14.59 -10.24 -5.40
CA ASP B 134 -16.04 -10.23 -5.18
C ASP B 134 -16.38 -10.66 -3.76
N GLN B 135 -15.67 -11.68 -3.25
CA GLN B 135 -15.94 -12.14 -1.89
C GLN B 135 -15.75 -11.01 -0.88
N ASP B 136 -14.70 -10.20 -1.05
CA ASP B 136 -14.51 -9.03 -0.20
C ASP B 136 -15.75 -8.14 -0.19
N VAL B 137 -16.30 -7.85 -1.38
CA VAL B 137 -17.49 -7.02 -1.47
C VAL B 137 -18.67 -7.69 -0.78
N ASP B 138 -18.87 -8.98 -1.07
CA ASP B 138 -19.99 -9.70 -0.46
C ASP B 138 -19.86 -9.73 1.06
N ASN B 139 -18.63 -9.84 1.58
CA ASN B 139 -18.45 -9.87 3.02
C ASN B 139 -18.80 -8.53 3.65
N VAL B 140 -18.40 -7.42 3.02
CA VAL B 140 -18.74 -6.10 3.52
C VAL B 140 -20.24 -5.86 3.42
N VAL B 141 -20.86 -6.29 2.31
CA VAL B 141 -22.31 -6.20 2.17
C VAL B 141 -23.01 -6.89 3.32
N LYS B 142 -22.59 -8.13 3.62
CA LYS B 142 -23.19 -8.88 4.72
C LYS B 142 -22.92 -8.22 6.06
N ARG B 143 -21.71 -7.73 6.27
CA ARG B 143 -21.39 -7.10 7.55
C ARG B 143 -22.22 -5.85 7.76
N LEU B 144 -22.36 -5.02 6.73
CA LEU B 144 -22.99 -3.72 6.88
C LEU B 144 -24.49 -3.76 6.64
N GLY B 145 -25.06 -4.91 6.33
CA GLY B 145 -26.49 -5.00 6.10
C GLY B 145 -26.99 -4.26 4.88
N ILE B 146 -26.17 -4.18 3.82
CA ILE B 146 -26.59 -3.55 2.56
C ILE B 146 -27.40 -4.54 1.74
N LYS B 147 -28.51 -4.06 1.18
CA LYS B 147 -29.38 -4.90 0.36
C LYS B 147 -28.94 -4.78 -1.09
N VAL B 148 -28.58 -5.90 -1.70
CA VAL B 148 -28.12 -5.91 -3.09
C VAL B 148 -28.81 -7.03 -3.84
N ASN B 149 -29.17 -6.75 -5.10
CA ASN B 149 -29.46 -7.77 -6.10
C ASN B 149 -28.13 -8.19 -6.68
N ASP B 150 -27.44 -9.07 -5.95
CA ASP B 150 -26.06 -9.39 -6.28
C ASP B 150 -25.94 -10.09 -7.62
N THR B 151 -26.88 -10.95 -7.98
CA THR B 151 -26.81 -11.60 -9.28
C THR B 151 -26.92 -10.57 -10.40
N LYS B 152 -27.81 -9.59 -10.27
CA LYS B 152 -27.93 -8.58 -11.31
C LYS B 152 -26.75 -7.62 -11.30
N LEU B 153 -26.29 -7.19 -10.13
CA LEU B 153 -25.14 -6.28 -10.08
C LEU B 153 -23.90 -6.95 -10.65
N LYS B 154 -23.70 -8.23 -10.37
CA LYS B 154 -22.53 -8.92 -10.91
C LYS B 154 -22.63 -9.09 -12.42
N GLN B 155 -23.83 -9.30 -12.95
N GLN B 155 -23.84 -9.34 -12.93
CA GLN B 155 -23.97 -9.33 -14.40
CA GLN B 155 -24.06 -9.34 -14.37
C GLN B 155 -23.78 -7.94 -15.00
C GLN B 155 -23.77 -7.96 -14.96
N LYS B 156 -24.34 -6.92 -14.35
CA LYS B 156 -24.09 -5.55 -14.79
C LYS B 156 -22.61 -5.20 -14.75
N ALA B 157 -21.89 -5.71 -13.74
CA ALA B 157 -20.45 -5.42 -13.61
C ALA B 157 -19.64 -6.07 -14.73
N ALA B 158 -20.08 -7.24 -15.19
CA ALA B 158 -19.39 -7.92 -16.29
C ALA B 158 -19.73 -7.34 -17.66
N ALA B 159 -20.96 -6.89 -17.86
CA ALA B 159 -21.44 -6.56 -19.19
C ALA B 159 -21.35 -5.08 -19.53
N GLU B 160 -21.18 -4.20 -18.55
CA GLU B 160 -21.33 -2.78 -18.79
C GLU B 160 -20.13 -2.01 -18.25
N GLU B 161 -19.92 -0.85 -18.82
CA GLU B 161 -19.06 0.17 -18.24
C GLU B 161 -19.91 1.03 -17.31
N LEU B 162 -19.35 1.36 -16.14
CA LEU B 162 -20.05 2.24 -15.20
C LEU B 162 -20.36 3.59 -15.86
N ASP B 163 -21.58 4.08 -15.61
CA ASP B 163 -21.95 5.45 -15.97
C ASP B 163 -20.91 6.46 -15.49
N THR B 164 -20.46 6.32 -14.23
CA THR B 164 -19.48 7.29 -13.73
C THR B 164 -18.17 7.23 -14.50
N ARG B 165 -17.74 6.03 -14.92
CA ARG B 165 -16.55 5.93 -15.76
C ARG B 165 -16.80 6.53 -17.14
N LYS B 166 -17.97 6.29 -17.73
CA LYS B 166 -18.31 6.97 -18.98
C LYS B 166 -18.21 8.49 -18.83
N LEU B 167 -18.70 9.03 -17.72
CA LEU B 167 -18.58 10.47 -17.49
C LEU B 167 -17.13 10.93 -17.50
N GLY B 168 -16.27 10.23 -16.75
CA GLY B 168 -14.86 10.58 -16.75
C GLY B 168 -14.23 10.57 -18.14
N LYS B 169 -14.61 9.58 -18.97
CA LYS B 169 -14.08 9.50 -20.33
C LYS B 169 -14.58 10.64 -21.20
N LEU B 170 -15.84 11.04 -21.05
CA LEU B 170 -16.35 12.23 -21.74
C LEU B 170 -15.49 13.45 -21.45
N ILE B 171 -15.14 13.66 -20.18
CA ILE B 171 -14.33 14.81 -19.82
C ILE B 171 -12.90 14.66 -20.32
N GLY B 172 -12.49 13.43 -20.62
CA GLY B 172 -11.15 13.17 -21.12
C GLY B 172 -10.25 12.42 -20.14
N PHE B 173 -10.74 12.06 -18.97
CA PHE B 173 -9.91 11.28 -18.06
C PHE B 173 -9.75 9.87 -18.59
N GLN B 174 -8.52 9.37 -18.61
CA GLN B 174 -8.25 8.01 -19.07
C GLN B 174 -8.05 7.03 -17.92
N GLY B 175 -8.29 7.46 -16.68
CA GLY B 175 -8.09 6.60 -15.55
C GLY B 175 -8.50 7.25 -14.24
N PRO B 176 -8.43 6.49 -13.15
CA PRO B 176 -8.79 7.07 -11.85
C PRO B 176 -7.67 7.98 -11.39
N HIS B 177 -7.68 8.33 -10.11
CA HIS B 177 -6.95 9.47 -9.56
C HIS B 177 -6.99 10.68 -10.50
N SER B 178 -8.21 10.99 -10.94
CA SER B 178 -8.58 12.23 -11.59
C SER B 178 -9.52 13.00 -10.67
N PHE B 179 -9.45 14.34 -10.72
CA PHE B 179 -10.11 15.17 -9.73
C PHE B 179 -10.58 16.46 -10.38
N VAL B 180 -11.75 16.93 -9.96
CA VAL B 180 -12.29 18.21 -10.40
C VAL B 180 -12.68 19.00 -9.16
N ILE B 181 -12.21 20.24 -9.08
CA ILE B 181 -12.55 21.14 -7.99
C ILE B 181 -13.22 22.36 -8.62
N LEU B 182 -14.42 22.69 -8.16
CA LEU B 182 -15.23 23.66 -8.90
C LEU B 182 -16.33 24.20 -7.98
N PRO B 183 -16.83 25.40 -8.25
CA PRO B 183 -17.99 25.90 -7.49
C PRO B 183 -19.24 25.12 -7.81
N THR B 184 -20.09 24.94 -6.80
CA THR B 184 -21.32 24.20 -6.99
C THR B 184 -22.36 24.99 -7.78
N ASN B 185 -22.28 26.31 -7.78
CA ASN B 185 -23.30 27.08 -8.48
C ASN B 185 -23.21 26.95 -10.00
N LEU B 186 -22.16 26.31 -10.53
CA LEU B 186 -22.08 26.08 -11.96
C LEU B 186 -23.19 25.16 -12.45
N ALA B 187 -23.67 24.26 -11.59
CA ALA B 187 -24.75 23.34 -11.99
C ALA B 187 -26.07 24.05 -12.24
N SER B 188 -26.15 25.36 -11.99
CA SER B 188 -27.38 26.11 -12.19
C SER B 188 -27.32 27.10 -13.35
N MET B 189 -26.21 27.14 -14.09
CA MET B 189 -26.03 28.17 -15.09
C MET B 189 -26.43 27.66 -16.47
N ASN B 190 -26.96 28.57 -17.27
CA ASN B 190 -27.14 28.26 -18.68
C ASN B 190 -25.76 28.24 -19.36
N ALA B 191 -25.75 27.88 -20.64
CA ALA B 191 -24.49 27.67 -21.35
C ALA B 191 -23.61 28.92 -21.37
N ASN B 192 -24.23 30.11 -21.45
CA ASN B 192 -23.44 31.33 -21.54
C ASN B 192 -22.75 31.64 -20.22
N ASP B 193 -23.51 31.61 -19.12
CA ASP B 193 -22.90 31.84 -17.82
C ASP B 193 -21.85 30.78 -17.51
N LEU B 194 -22.17 29.52 -17.78
CA LEU B 194 -21.24 28.43 -17.49
C LEU B 194 -19.94 28.59 -18.24
N GLY B 195 -20.02 28.90 -19.55
CA GLY B 195 -18.82 29.15 -20.32
C GLY B 195 -18.00 30.31 -19.77
N ASN B 196 -18.70 31.35 -19.28
CA ASN B 196 -18.04 32.48 -18.62
C ASN B 196 -17.34 32.10 -17.31
N ASN B 197 -17.59 30.92 -16.78
CA ASN B 197 -17.07 30.53 -15.47
C ASN B 197 -16.19 29.29 -15.54
N VAL B 198 -15.72 28.91 -16.73
CA VAL B 198 -14.81 27.77 -16.88
C VAL B 198 -13.51 27.98 -16.14
N ASP B 199 -13.12 29.25 -15.94
CA ASP B 199 -11.89 29.56 -15.23
C ASP B 199 -11.94 29.17 -13.76
N LYS B 200 -13.12 28.84 -13.24
CA LYS B 200 -13.23 28.39 -11.86
C LYS B 200 -13.25 26.87 -11.73
N VAL B 201 -13.09 26.14 -12.85
CA VAL B 201 -13.00 24.69 -12.82
C VAL B 201 -11.52 24.32 -12.82
N TYR B 202 -11.07 23.67 -11.75
CA TYR B 202 -9.69 23.22 -11.61
C TYR B 202 -9.65 21.71 -11.71
N VAL B 203 -8.75 21.19 -12.54
CA VAL B 203 -8.68 19.76 -12.80
C VAL B 203 -7.30 19.25 -12.42
N ILE B 204 -7.26 18.07 -11.82
CA ILE B 204 -6.05 17.29 -11.64
C ILE B 204 -6.25 16.03 -12.47
N SER B 205 -5.56 15.92 -13.59
CA SER B 205 -5.85 14.83 -14.51
C SER B 205 -5.09 13.57 -14.13
N ASP B 206 -5.57 12.45 -14.66
CA ASP B 206 -4.88 11.18 -14.52
C ASP B 206 -3.48 11.26 -15.14
N LYS B 207 -3.33 11.96 -16.27
CA LYS B 207 -2.01 12.18 -16.85
C LYS B 207 -1.04 12.76 -15.82
N GLN B 208 -1.53 13.64 -14.96
CA GLN B 208 -0.67 14.23 -13.92
C GLN B 208 -0.38 13.25 -12.80
N THR B 209 -1.42 12.62 -12.25
CA THR B 209 -1.23 11.72 -11.11
C THR B 209 -0.56 10.40 -11.48
N ASN B 210 -0.47 10.05 -12.76
CA ASN B 210 0.28 8.86 -13.15
C ASN B 210 1.75 9.14 -13.37
N ALA B 211 2.14 10.42 -13.43
CA ALA B 211 3.52 10.82 -13.59
C ALA B 211 4.16 11.19 -12.25
N ILE B 212 3.40 11.18 -11.16
CA ILE B 212 3.98 11.51 -9.87
C ILE B 212 4.65 10.26 -9.31
N THR B 213 5.16 10.38 -8.08
CA THR B 213 5.88 9.28 -7.44
C THR B 213 5.10 7.98 -7.51
N ASP B 214 5.84 6.87 -7.60
CA ASP B 214 5.22 5.56 -7.54
C ASP B 214 4.78 5.19 -6.12
N ASN B 215 5.23 5.95 -5.12
CA ASN B 215 4.86 5.69 -3.73
C ASN B 215 3.41 6.12 -3.48
N TYR B 216 2.53 5.16 -3.18
CA TYR B 216 1.12 5.43 -2.95
C TYR B 216 0.93 6.51 -1.90
N GLN B 217 1.68 6.44 -0.81
CA GLN B 217 1.47 7.34 0.31
C GLN B 217 1.79 8.78 -0.07
N GLN B 218 2.94 8.98 -0.71
CA GLN B 218 3.32 10.33 -1.10
C GLN B 218 2.48 10.83 -2.27
N ALA B 219 2.10 9.93 -3.18
CA ALA B 219 1.15 10.32 -4.21
C ALA B 219 -0.14 10.83 -3.60
N ALA B 220 -0.64 10.14 -2.57
CA ALA B 220 -1.85 10.59 -1.91
C ALA B 220 -1.64 11.95 -1.24
N LYS B 221 -0.50 12.13 -0.55
CA LYS B 221 -0.21 13.42 0.04
C LYS B 221 -0.16 14.51 -1.02
N TRP B 222 0.42 14.21 -2.18
CA TRP B 222 0.48 15.21 -3.25
C TRP B 222 -0.92 15.56 -3.74
N VAL B 223 -1.76 14.54 -3.93
CA VAL B 223 -3.13 14.76 -4.37
C VAL B 223 -3.87 15.66 -3.38
N ALA B 224 -3.82 15.31 -2.08
CA ALA B 224 -4.55 16.08 -1.08
C ALA B 224 -4.07 17.52 -1.03
N THR B 225 -2.75 17.73 -1.04
CA THR B 225 -2.23 19.09 -1.02
C THR B 225 -2.71 19.89 -2.22
N ASN B 226 -2.75 19.25 -3.39
CA ASN B 226 -3.19 19.91 -4.62
C ASN B 226 -4.68 20.25 -4.55
N ILE B 227 -5.49 19.29 -4.13
CA ILE B 227 -6.92 19.55 -3.95
C ILE B 227 -7.14 20.73 -3.03
N GLN B 228 -6.44 20.73 -1.87
CA GLN B 228 -6.62 21.81 -0.91
C GLN B 228 -6.30 23.16 -1.52
N ALA B 229 -5.19 23.23 -2.27
CA ALA B 229 -4.83 24.50 -2.90
C ALA B 229 -5.90 24.94 -3.91
N GLN B 230 -6.47 24.00 -4.66
CA GLN B 230 -7.50 24.38 -5.62
C GLN B 230 -8.75 24.86 -4.91
N LEU B 231 -9.12 24.20 -3.80
CA LEU B 231 -10.24 24.67 -2.99
C LEU B 231 -10.01 26.10 -2.51
N ASN B 232 -8.79 26.40 -2.05
CA ASN B 232 -8.48 27.76 -1.61
C ASN B 232 -8.50 28.77 -2.75
N ASN B 233 -8.39 28.30 -3.99
CA ASN B 233 -8.48 29.19 -5.16
C ASN B 233 -9.91 29.65 -5.42
N ILE B 234 -10.89 29.01 -4.81
CA ILE B 234 -12.30 29.30 -5.07
C ILE B 234 -12.81 30.20 -3.96
N LYS B 235 -13.27 31.39 -4.31
CA LYS B 235 -13.58 32.42 -3.34
C LYS B 235 -15.02 32.89 -3.42
ZN ZN C . 14.59 -20.20 6.57
ZN ZN D . 24.27 -23.01 23.56
ZN ZN E . 28.00 -22.82 28.51
C1 PEG F . 4.21 -11.73 -18.87
O1 PEG F . 3.11 -12.56 -19.22
C2 PEG F . 5.11 -12.40 -17.86
O2 PEG F . 5.93 -11.44 -17.24
C3 PEG F . 5.89 -11.46 -15.82
C4 PEG F . 6.39 -10.18 -15.20
O4 PEG F . 5.39 -9.60 -14.39
ZN ZN G . -2.30 2.51 3.59
ZN ZN H . -5.76 4.45 -7.44
ZN ZN I . 7.73 24.39 -11.91
#